data_7Q47
#
_entry.id   7Q47
#
_cell.length_a   65.304
_cell.length_b   128.993
_cell.length_c   36.279
_cell.angle_alpha   90.000
_cell.angle_beta   90.000
_cell.angle_gamma   90.000
#
_symmetry.space_group_name_H-M   'P 21 21 2'
#
loop_
_entity.id
_entity.type
_entity.pdbx_description
1 polymer Endolysin
2 non-polymer 'CHLORIDE ION'
3 non-polymer 'SODIUM ION'
4 water water
#
_entity_poly.entity_id   1
_entity_poly.type   'polypeptide(L)'
_entity_poly.pdbx_seq_one_letter_code
;GAKTSLPRGIRNNNPGNIEWGSPWQGLQARTAASDPRFCQFIDPASGIRALAVILTTYFDKRKAADGSKIDTIREVIERW
APPKKNGVVENNTTAYANQIARVLNMQPDDETLNLHDYETMRKMVEGIIRHENGSPEDYDRAPYNNINQWYSDEQIAEGL
RRAGLVKPKT
;
_entity_poly.pdbx_strand_id   A,B
#
# COMPACT_ATOMS: atom_id res chain seq x y z
N SER A 5 -30.22 -13.60 -7.36
CA SER A 5 -29.58 -13.15 -8.64
C SER A 5 -28.15 -12.67 -8.39
N LEU A 6 -27.17 -13.33 -9.00
CA LEU A 6 -25.75 -12.91 -8.91
C LEU A 6 -25.53 -11.60 -9.63
N PRO A 7 -24.48 -10.85 -9.28
CA PRO A 7 -24.16 -9.65 -10.05
C PRO A 7 -23.84 -10.01 -11.49
N ARG A 8 -24.10 -9.04 -12.36
CA ARG A 8 -23.99 -9.17 -13.83
C ARG A 8 -22.57 -9.62 -14.19
N GLY A 9 -21.55 -9.01 -13.60
CA GLY A 9 -20.15 -9.35 -13.91
C GLY A 9 -19.85 -10.80 -13.62
N ILE A 10 -20.33 -11.32 -12.50
CA ILE A 10 -20.08 -12.72 -12.10
C ILE A 10 -20.89 -13.65 -13.03
N ARG A 11 -22.13 -13.30 -13.34
CA ARG A 11 -22.99 -14.12 -14.24
C ARG A 11 -22.33 -14.25 -15.62
N ASN A 12 -21.61 -13.22 -16.00
CA ASN A 12 -20.99 -13.09 -17.35
C ASN A 12 -19.59 -13.68 -17.43
N ASN A 13 -19.02 -14.17 -16.33
CA ASN A 13 -17.59 -14.56 -16.26
C ASN A 13 -16.75 -13.36 -16.69
N ASN A 14 -17.24 -12.15 -16.40
CA ASN A 14 -16.62 -10.89 -16.85
C ASN A 14 -16.67 -9.93 -15.66
N PRO A 15 -15.93 -10.24 -14.58
CA PRO A 15 -16.08 -9.50 -13.34
C PRO A 15 -15.60 -8.04 -13.38
N GLY A 16 -14.80 -7.69 -14.41
CA GLY A 16 -14.47 -6.28 -14.66
C GLY A 16 -15.58 -5.50 -15.37
N ASN A 17 -16.63 -6.16 -15.87
CA ASN A 17 -17.70 -5.48 -16.65
C ASN A 17 -17.07 -4.78 -17.86
N ILE A 18 -16.19 -5.50 -18.55
CA ILE A 18 -15.63 -5.06 -19.85
C ILE A 18 -16.76 -4.99 -20.86
N GLU A 19 -16.87 -3.86 -21.56
CA GLU A 19 -17.88 -3.69 -22.65
C GLU A 19 -17.46 -4.45 -23.88
N TRP A 20 -18.42 -4.95 -24.65
CA TRP A 20 -18.12 -5.55 -25.98
C TRP A 20 -17.27 -4.58 -26.77
N GLY A 21 -16.31 -5.10 -27.53
CA GLY A 21 -15.49 -4.27 -28.40
C GLY A 21 -14.36 -5.06 -29.02
N SER A 22 -13.53 -5.67 -28.19
CA SER A 22 -12.35 -6.45 -28.65
C SER A 22 -12.66 -7.93 -28.55
N PRO A 23 -12.26 -8.75 -29.54
CA PRO A 23 -12.51 -10.20 -29.50
C PRO A 23 -11.48 -10.93 -28.62
N TRP A 24 -11.60 -10.71 -27.32
CA TRP A 24 -10.75 -11.38 -26.30
C TRP A 24 -10.87 -12.90 -26.47
N GLN A 25 -9.78 -13.60 -26.17
CA GLN A 25 -9.75 -15.08 -26.15
C GLN A 25 -10.75 -15.54 -25.08
N GLY A 26 -11.56 -16.53 -25.41
CA GLY A 26 -12.50 -17.12 -24.42
C GLY A 26 -13.84 -16.43 -24.40
N LEU A 27 -14.14 -15.51 -25.30
CA LEU A 27 -15.51 -14.97 -25.37
C LEU A 27 -16.44 -16.07 -25.87
N GLN A 28 -17.67 -16.03 -25.39
CA GLN A 28 -18.81 -16.69 -26.06
C GLN A 28 -19.07 -16.01 -27.41
N ALA A 29 -19.62 -16.76 -28.36
CA ALA A 29 -20.24 -16.16 -29.56
C ALA A 29 -21.38 -15.26 -29.09
N ARG A 30 -21.55 -14.11 -29.73
CA ARG A 30 -22.69 -13.22 -29.47
C ARG A 30 -23.90 -13.66 -30.24
N THR A 31 -25.02 -13.67 -29.54
CA THR A 31 -26.31 -14.17 -30.03
C THR A 31 -27.37 -13.20 -29.56
N ALA A 32 -28.61 -13.48 -29.92
CA ALA A 32 -29.79 -12.69 -29.52
C ALA A 32 -30.00 -12.75 -28.01
N ALA A 33 -29.43 -13.75 -27.33
CA ALA A 33 -29.62 -13.89 -25.86
C ALA A 33 -28.44 -13.31 -25.08
N SER A 34 -27.38 -12.92 -25.75
CA SER A 34 -26.19 -12.31 -25.09
C SER A 34 -26.52 -11.03 -24.31
N ASP A 35 -25.73 -10.76 -23.28
CA ASP A 35 -25.75 -9.44 -22.61
C ASP A 35 -25.56 -8.36 -23.67
N PRO A 36 -26.47 -7.37 -23.76
CA PRO A 36 -26.38 -6.34 -24.80
C PRO A 36 -25.16 -5.41 -24.69
N ARG A 37 -24.54 -5.29 -23.51
CA ARG A 37 -23.53 -4.25 -23.23
C ARG A 37 -22.17 -4.87 -22.87
N PHE A 38 -22.16 -5.96 -22.12
CA PHE A 38 -20.93 -6.51 -21.51
C PHE A 38 -20.58 -7.86 -22.11
N CYS A 39 -19.27 -8.07 -22.29
CA CYS A 39 -18.66 -9.33 -22.72
C CYS A 39 -19.14 -10.47 -21.81
N GLN A 40 -19.30 -11.65 -22.40
CA GLN A 40 -19.54 -12.92 -21.70
C GLN A 40 -18.45 -13.87 -22.10
N PHE A 41 -17.78 -14.49 -21.12
CA PHE A 41 -16.65 -15.40 -21.32
C PHE A 41 -17.03 -16.85 -20.99
N ILE A 42 -16.33 -17.80 -21.59
CA ILE A 42 -16.63 -19.25 -21.37
C ILE A 42 -16.15 -19.67 -19.97
N ASP A 43 -15.13 -19.02 -19.41
CA ASP A 43 -14.63 -19.35 -18.06
C ASP A 43 -14.16 -18.06 -17.38
N PRO A 44 -14.13 -18.03 -16.04
CA PRO A 44 -13.64 -16.87 -15.32
C PRO A 44 -12.20 -16.49 -15.64
N ALA A 45 -11.31 -17.45 -15.81
CA ALA A 45 -9.87 -17.18 -16.08
C ALA A 45 -9.76 -16.27 -17.32
N SER A 46 -10.61 -16.48 -18.34
CA SER A 46 -10.51 -15.69 -19.59
C SER A 46 -10.94 -14.23 -19.31
N GLY A 47 -11.96 -14.02 -18.47
CA GLY A 47 -12.44 -12.67 -18.12
C GLY A 47 -11.40 -11.90 -17.30
N ILE A 48 -10.80 -12.61 -16.35
CA ILE A 48 -9.76 -12.05 -15.45
C ILE A 48 -8.53 -11.71 -16.29
N ARG A 49 -8.13 -12.61 -17.18
CA ARG A 49 -7.00 -12.38 -18.11
C ARG A 49 -7.27 -11.10 -18.93
N ALA A 50 -8.46 -10.95 -19.52
CA ALA A 50 -8.80 -9.74 -20.32
C ALA A 50 -8.68 -8.46 -19.48
N LEU A 51 -9.13 -8.50 -18.23
CA LEU A 51 -9.03 -7.34 -17.33
C LEU A 51 -7.56 -6.95 -17.11
N ALA A 52 -6.68 -7.92 -16.83
CA ALA A 52 -5.23 -7.64 -16.63
C ALA A 52 -4.65 -7.04 -17.92
N VAL A 53 -5.03 -7.58 -19.08
CA VAL A 53 -4.45 -7.09 -20.36
C VAL A 53 -4.92 -5.66 -20.62
N ILE A 54 -6.22 -5.36 -20.42
CA ILE A 54 -6.73 -3.99 -20.63
C ILE A 54 -5.93 -3.03 -19.77
N LEU A 55 -5.73 -3.37 -18.48
CA LEU A 55 -5.03 -2.44 -17.56
C LEU A 55 -3.59 -2.24 -18.01
N THR A 56 -2.95 -3.29 -18.51
CA THR A 56 -1.59 -3.21 -19.08
C THR A 56 -1.59 -2.28 -20.29
N THR A 57 -2.61 -2.34 -21.16
CA THR A 57 -2.65 -1.42 -22.35
C THR A 57 -2.70 0.04 -21.88
N TYR A 58 -3.43 0.36 -20.82
CA TYR A 58 -3.48 1.73 -20.31
C TYR A 58 -2.13 2.16 -19.73
N PHE A 59 -1.54 1.29 -18.92
CA PHE A 59 -0.28 1.57 -18.21
C PHE A 59 0.84 1.78 -19.21
N ASP A 60 0.87 1.00 -20.27
CA ASP A 60 1.90 1.07 -21.35
C ASP A 60 1.73 2.33 -22.21
N LYS A 61 0.59 3.01 -22.20
CA LYS A 61 0.42 4.30 -22.93
C LYS A 61 1.34 5.34 -22.32
N ARG A 62 1.95 6.20 -23.13
CA ARG A 62 2.85 7.29 -22.66
C ARG A 62 2.02 8.39 -21.99
N LYS A 63 0.93 8.85 -22.64
CA LYS A 63 0.22 10.06 -22.16
C LYS A 63 -1.27 9.81 -22.24
N ALA A 64 -2.00 10.48 -21.35
CA ALA A 64 -3.48 10.46 -21.24
C ALA A 64 -4.04 11.65 -22.02
N ALA A 65 -5.35 11.71 -22.16
CA ALA A 65 -6.11 12.83 -22.78
C ALA A 65 -5.62 14.16 -22.20
N ASP A 66 -5.49 14.26 -20.87
CA ASP A 66 -5.17 15.51 -20.12
C ASP A 66 -3.72 15.95 -20.34
N GLY A 67 -2.93 15.21 -21.14
CA GLY A 67 -1.54 15.55 -21.47
C GLY A 67 -0.54 14.90 -20.51
N SER A 68 -1.00 14.42 -19.36
CA SER A 68 -0.15 13.85 -18.28
C SER A 68 0.26 12.42 -18.63
N LYS A 69 1.33 11.94 -18.00
CA LYS A 69 1.81 10.55 -18.17
C LYS A 69 0.72 9.59 -17.67
N ILE A 70 0.67 8.36 -18.13
CA ILE A 70 -0.17 7.33 -17.45
C ILE A 70 0.77 6.42 -16.65
N ASP A 71 1.11 6.84 -15.43
CA ASP A 71 2.14 6.15 -14.62
C ASP A 71 1.73 6.12 -13.15
N THR A 72 0.44 6.31 -12.86
CA THR A 72 -0.09 6.38 -11.48
C THR A 72 -1.43 5.65 -11.41
N ILE A 73 -1.85 5.29 -10.20
CA ILE A 73 -3.18 4.64 -10.01
C ILE A 73 -4.27 5.60 -10.50
N ARG A 74 -4.17 6.89 -10.17
CA ARG A 74 -5.20 7.85 -10.61
C ARG A 74 -5.30 7.81 -12.13
N GLU A 75 -4.20 7.89 -12.84
CA GLU A 75 -4.22 7.99 -14.33
C GLU A 75 -4.72 6.66 -14.93
N VAL A 76 -4.35 5.51 -14.37
CA VAL A 76 -4.82 4.19 -14.88
C VAL A 76 -6.33 4.09 -14.65
N ILE A 77 -6.82 4.44 -13.46
CA ILE A 77 -8.29 4.32 -13.19
C ILE A 77 -9.08 5.38 -13.96
N GLU A 78 -8.51 6.55 -14.25
CA GLU A 78 -9.16 7.56 -15.12
C GLU A 78 -9.46 6.94 -16.50
N ARG A 79 -8.57 6.12 -17.01
CA ARG A 79 -8.76 5.44 -18.33
C ARG A 79 -9.76 4.28 -18.20
N TRP A 80 -9.70 3.55 -17.09
CA TRP A 80 -10.53 2.35 -16.84
C TRP A 80 -11.99 2.77 -16.64
N ALA A 81 -12.23 3.86 -15.94
CA ALA A 81 -13.57 4.32 -15.56
C ALA A 81 -13.68 5.80 -15.87
N PRO A 82 -13.70 6.18 -17.17
CA PRO A 82 -13.67 7.58 -17.58
C PRO A 82 -15.02 8.24 -17.32
N PRO A 83 -15.04 9.52 -16.88
CA PRO A 83 -16.27 10.34 -16.91
C PRO A 83 -16.94 10.50 -18.30
N LYS A 84 -18.21 10.94 -18.33
CA LYS A 84 -18.92 11.20 -19.62
C LYS A 84 -18.50 12.59 -20.16
N LYS A 85 -18.69 12.80 -21.48
CA LYS A 85 -18.29 14.03 -22.23
C LYS A 85 -19.24 15.18 -21.87
N ASN A 86 -20.46 14.86 -21.45
CA ASN A 86 -21.49 15.87 -21.12
C ASN A 86 -22.54 15.19 -20.25
N GLY A 87 -23.57 15.94 -19.84
CA GLY A 87 -24.55 15.51 -18.83
C GLY A 87 -24.14 16.00 -17.46
N VAL A 88 -24.78 15.49 -16.41
CA VAL A 88 -24.58 15.99 -15.01
C VAL A 88 -23.13 15.72 -14.60
N VAL A 89 -22.49 16.75 -14.05
CA VAL A 89 -21.10 16.68 -13.51
C VAL A 89 -21.15 15.74 -12.31
N GLU A 90 -20.27 14.72 -12.27
CA GLU A 90 -20.29 13.62 -11.27
C GLU A 90 -18.86 13.08 -11.09
N ASN A 91 -18.46 12.71 -9.85
CA ASN A 91 -17.04 12.44 -9.49
C ASN A 91 -16.85 10.99 -9.04
N ASN A 92 -17.49 10.07 -9.76
CA ASN A 92 -17.37 8.60 -9.57
C ASN A 92 -15.91 8.15 -9.84
N THR A 93 -15.23 8.73 -10.82
CA THR A 93 -13.84 8.34 -11.21
C THR A 93 -12.86 8.62 -10.06
N THR A 94 -13.00 9.78 -9.40
CA THR A 94 -12.15 10.14 -8.22
C THR A 94 -12.35 9.12 -7.08
N ALA A 95 -13.58 8.80 -6.73
CA ALA A 95 -13.90 7.83 -5.66
C ALA A 95 -13.28 6.46 -6.02
N TYR A 96 -13.45 6.03 -7.27
CA TYR A 96 -12.93 4.72 -7.78
C TYR A 96 -11.41 4.68 -7.62
N ALA A 97 -10.70 5.73 -8.04
CA ALA A 97 -9.23 5.82 -7.93
C ALA A 97 -8.80 5.73 -6.47
N ASN A 98 -9.51 6.45 -5.59
CA ASN A 98 -9.15 6.48 -4.14
C ASN A 98 -9.33 5.09 -3.52
N GLN A 99 -10.40 4.40 -3.90
N GLN A 99 -10.40 4.40 -3.90
CA GLN A 99 -10.73 3.06 -3.37
CA GLN A 99 -10.72 3.06 -3.37
C GLN A 99 -9.63 2.07 -3.82
C GLN A 99 -9.63 2.07 -3.82
N ILE A 100 -9.24 2.09 -5.09
CA ILE A 100 -8.19 1.17 -5.60
C ILE A 100 -6.83 1.50 -4.96
N ALA A 101 -6.52 2.79 -4.77
CA ALA A 101 -5.29 3.20 -4.05
C ALA A 101 -5.27 2.62 -2.65
N ARG A 102 -6.39 2.60 -1.96
CA ARG A 102 -6.47 2.03 -0.58
C ARG A 102 -6.19 0.53 -0.67
N VAL A 103 -6.73 -0.15 -1.68
CA VAL A 103 -6.48 -1.62 -1.84
C VAL A 103 -4.99 -1.87 -2.03
N LEU A 104 -4.32 -1.01 -2.78
CA LEU A 104 -2.87 -1.16 -3.05
C LEU A 104 -2.04 -0.59 -1.89
N ASN A 105 -2.66 0.05 -0.90
CA ASN A 105 -1.97 0.85 0.15
C ASN A 105 -0.90 1.75 -0.46
N MET A 106 -1.26 2.44 -1.55
CA MET A 106 -0.40 3.42 -2.24
C MET A 106 -1.17 4.72 -2.42
N GLN A 107 -0.46 5.85 -2.47
CA GLN A 107 -1.13 7.13 -2.81
C GLN A 107 -1.50 7.12 -4.30
N PRO A 108 -2.66 7.69 -4.65
CA PRO A 108 -3.15 7.69 -6.04
C PRO A 108 -2.20 8.33 -7.04
N ASP A 109 -1.29 9.23 -6.61
CA ASP A 109 -0.36 9.94 -7.52
C ASP A 109 1.09 9.44 -7.36
N ASP A 110 1.28 8.27 -6.76
CA ASP A 110 2.61 7.62 -6.61
C ASP A 110 3.09 7.12 -7.99
N GLU A 111 4.17 7.70 -8.52
CA GLU A 111 4.71 7.34 -9.87
C GLU A 111 5.70 6.17 -9.81
N THR A 112 5.76 5.43 -8.71
CA THR A 112 6.51 4.14 -8.64
C THR A 112 5.57 2.97 -8.97
N LEU A 113 4.29 3.22 -9.22
CA LEU A 113 3.37 2.16 -9.72
C LEU A 113 4.05 1.36 -10.83
N ASN A 114 4.10 0.03 -10.70
CA ASN A 114 4.53 -0.81 -11.83
C ASN A 114 3.51 -1.92 -12.05
N LEU A 115 2.65 -1.78 -13.05
CA LEU A 115 1.65 -2.83 -13.37
C LEU A 115 2.26 -4.01 -14.14
N HIS A 116 3.55 -3.99 -14.44
CA HIS A 116 4.29 -5.19 -14.89
C HIS A 116 4.67 -6.06 -13.68
N ASP A 117 4.49 -5.58 -12.45
CA ASP A 117 4.80 -6.33 -11.21
C ASP A 117 3.58 -7.19 -10.86
N TYR A 118 3.78 -8.49 -10.69
CA TYR A 118 2.67 -9.46 -10.44
C TYR A 118 1.80 -8.97 -9.28
N GLU A 119 2.39 -8.70 -8.11
CA GLU A 119 1.60 -8.40 -6.90
C GLU A 119 0.78 -7.11 -7.12
N THR A 120 1.38 -6.12 -7.78
CA THR A 120 0.69 -4.83 -8.05
C THR A 120 -0.53 -5.12 -8.95
N MET A 121 -0.32 -5.82 -10.03
CA MET A 121 -1.44 -6.11 -10.96
C MET A 121 -2.49 -6.94 -10.23
N ARG A 122 -2.05 -7.94 -9.46
CA ARG A 122 -3.02 -8.79 -8.72
C ARG A 122 -3.91 -7.89 -7.85
N LYS A 123 -3.32 -7.01 -7.07
CA LYS A 123 -4.14 -6.19 -6.14
C LYS A 123 -5.10 -5.29 -6.93
N MET A 124 -4.66 -4.76 -8.08
CA MET A 124 -5.53 -3.85 -8.86
C MET A 124 -6.70 -4.66 -9.48
N VAL A 125 -6.42 -5.82 -10.05
CA VAL A 125 -7.43 -6.72 -10.64
C VAL A 125 -8.41 -7.12 -9.54
N GLU A 126 -7.89 -7.59 -8.41
CA GLU A 126 -8.79 -8.06 -7.31
C GLU A 126 -9.61 -6.87 -6.80
N GLY A 127 -9.01 -5.68 -6.66
CA GLY A 127 -9.73 -4.48 -6.17
C GLY A 127 -10.89 -4.16 -7.08
N ILE A 128 -10.63 -4.19 -8.39
CA ILE A 128 -11.66 -3.88 -9.41
C ILE A 128 -12.76 -4.91 -9.31
N ILE A 129 -12.43 -6.18 -9.15
CA ILE A 129 -13.46 -7.24 -9.12
C ILE A 129 -14.37 -6.97 -7.92
N ARG A 130 -13.78 -6.70 -6.75
CA ARG A 130 -14.57 -6.53 -5.50
C ARG A 130 -15.41 -5.26 -5.65
N HIS A 131 -14.87 -4.18 -6.19
CA HIS A 131 -15.60 -2.92 -6.46
C HIS A 131 -16.80 -3.16 -7.39
N GLU A 132 -16.60 -3.84 -8.51
CA GLU A 132 -17.65 -4.00 -9.55
C GLU A 132 -18.78 -4.90 -9.07
N ASN A 133 -18.53 -5.86 -8.18
CA ASN A 133 -19.48 -6.97 -7.93
C ASN A 133 -20.00 -6.97 -6.48
N GLY A 134 -19.44 -6.16 -5.59
CA GLY A 134 -19.90 -6.16 -4.18
C GLY A 134 -19.45 -7.38 -3.40
N SER A 135 -20.08 -7.62 -2.26
CA SER A 135 -19.75 -8.72 -1.34
C SER A 135 -20.47 -9.99 -1.77
N PRO A 136 -19.77 -11.12 -1.94
CA PRO A 136 -20.44 -12.40 -2.13
C PRO A 136 -21.46 -12.67 -1.00
N GLU A 137 -21.20 -12.19 0.22
CA GLU A 137 -22.12 -12.43 1.36
C GLU A 137 -23.51 -11.82 1.06
N ASP A 138 -23.59 -10.80 0.21
CA ASP A 138 -24.87 -10.15 -0.21
C ASP A 138 -25.66 -11.07 -1.15
N TYR A 139 -25.04 -12.12 -1.69
CA TYR A 139 -25.66 -13.05 -2.66
C TYR A 139 -25.71 -14.44 -2.03
N ASP A 140 -25.64 -14.46 -0.68
CA ASP A 140 -25.64 -15.68 0.16
C ASP A 140 -24.57 -16.64 -0.39
N ARG A 141 -23.37 -16.12 -0.64
CA ARG A 141 -22.16 -16.93 -0.94
C ARG A 141 -21.10 -16.65 0.13
N ALA A 142 -20.24 -17.64 0.39
CA ALA A 142 -19.09 -17.48 1.31
C ALA A 142 -17.99 -16.80 0.52
N PRO A 143 -17.44 -15.68 1.00
CA PRO A 143 -16.32 -15.05 0.29
C PRO A 143 -15.06 -15.89 0.46
N TYR A 144 -14.24 -15.98 -0.58
CA TYR A 144 -12.86 -16.49 -0.49
C TYR A 144 -12.04 -15.49 0.32
N ASN A 145 -10.99 -16.02 0.96
CA ASN A 145 -10.12 -15.19 1.82
C ASN A 145 -9.06 -14.51 0.97
N ASN A 146 -9.50 -13.47 0.28
CA ASN A 146 -8.62 -12.64 -0.57
C ASN A 146 -9.32 -11.32 -0.82
N ILE A 147 -8.68 -10.42 -1.58
CA ILE A 147 -9.25 -9.08 -1.85
C ILE A 147 -10.53 -9.23 -2.67
N ASN A 148 -10.49 -10.03 -3.72
CA ASN A 148 -11.60 -10.02 -4.71
C ASN A 148 -12.87 -10.70 -4.14
N GLN A 149 -12.68 -11.72 -3.30
CA GLN A 149 -13.70 -12.53 -2.58
C GLN A 149 -14.56 -13.43 -3.48
N TRP A 150 -14.74 -13.10 -4.76
CA TRP A 150 -15.60 -13.91 -5.66
C TRP A 150 -14.91 -15.15 -6.20
N TYR A 151 -13.60 -15.08 -6.44
CA TYR A 151 -12.80 -16.15 -7.09
C TYR A 151 -11.71 -16.61 -6.13
N SER A 152 -11.35 -17.88 -6.24
CA SER A 152 -10.23 -18.46 -5.45
C SER A 152 -8.91 -17.80 -5.82
N ASP A 153 -7.92 -17.88 -4.92
CA ASP A 153 -6.53 -17.50 -5.23
C ASP A 153 -6.07 -18.18 -6.52
N GLU A 154 -6.39 -19.47 -6.71
CA GLU A 154 -5.95 -20.26 -7.90
C GLU A 154 -6.58 -19.67 -9.17
N GLN A 155 -7.83 -19.30 -9.15
CA GLN A 155 -8.53 -18.72 -10.34
C GLN A 155 -7.88 -17.38 -10.71
N ILE A 156 -7.64 -16.51 -9.72
CA ILE A 156 -6.96 -15.22 -9.96
C ILE A 156 -5.59 -15.48 -10.55
N ALA A 157 -4.81 -16.39 -9.96
CA ALA A 157 -3.45 -16.65 -10.43
C ALA A 157 -3.45 -17.14 -11.88
N GLU A 158 -4.42 -17.98 -12.26
CA GLU A 158 -4.46 -18.55 -13.64
C GLU A 158 -4.76 -17.42 -14.64
N GLY A 159 -5.71 -16.53 -14.31
CA GLY A 159 -5.96 -15.34 -15.15
C GLY A 159 -4.70 -14.54 -15.36
N LEU A 160 -3.98 -14.23 -14.30
CA LEU A 160 -2.78 -13.37 -14.37
C LEU A 160 -1.65 -14.10 -15.13
N ARG A 161 -1.52 -15.41 -14.91
CA ARG A 161 -0.47 -16.22 -15.57
C ARG A 161 -0.72 -16.16 -17.09
N ARG A 162 -1.99 -16.26 -17.49
CA ARG A 162 -2.39 -16.26 -18.93
C ARG A 162 -2.13 -14.87 -19.52
N ALA A 163 -2.13 -13.80 -18.70
CA ALA A 163 -1.78 -12.43 -19.12
C ALA A 163 -0.26 -12.21 -19.07
N GLY A 164 0.53 -13.24 -18.74
CA GLY A 164 2.00 -13.19 -18.82
C GLY A 164 2.67 -12.75 -17.53
N LEU A 165 1.94 -12.62 -16.42
CA LEU A 165 2.55 -12.07 -15.18
C LEU A 165 3.19 -13.20 -14.35
N VAL A 166 4.41 -12.93 -13.84
CA VAL A 166 5.30 -13.93 -13.19
C VAL A 166 5.36 -13.65 -11.69
N LYS A 167 4.66 -14.45 -10.86
CA LYS A 167 4.78 -14.37 -9.38
C LYS A 167 6.05 -15.07 -8.93
N PRO A 168 7.03 -14.36 -8.30
CA PRO A 168 8.16 -15.03 -7.66
C PRO A 168 7.65 -15.99 -6.57
N LYS A 169 8.22 -17.21 -6.53
CA LYS A 169 7.80 -18.26 -5.57
C LYS A 169 9.04 -19.00 -5.10
N THR A 170 8.93 -19.57 -3.89
CA THR A 170 9.97 -20.39 -3.20
C THR A 170 9.43 -21.81 -3.04
N SER B 5 -9.26 5.99 24.07
CA SER B 5 -8.90 6.22 22.64
C SER B 5 -7.42 5.95 22.38
N LEU B 6 -7.00 6.11 21.14
CA LEU B 6 -5.64 5.72 20.68
C LEU B 6 -4.60 6.69 21.19
N PRO B 7 -3.33 6.28 21.33
CA PRO B 7 -2.26 7.21 21.63
C PRO B 7 -2.12 8.28 20.54
N ARG B 8 -1.56 9.42 20.91
CA ARG B 8 -1.49 10.64 20.08
C ARG B 8 -0.75 10.33 18.77
N GLY B 9 0.37 9.61 18.85
CA GLY B 9 1.16 9.26 17.66
C GLY B 9 0.36 8.42 16.68
N ILE B 10 -0.43 7.47 17.18
CA ILE B 10 -1.29 6.61 16.33
C ILE B 10 -2.41 7.48 15.73
N ARG B 11 -3.02 8.36 16.52
CA ARG B 11 -4.14 9.23 16.03
C ARG B 11 -3.65 10.11 14.89
N ASN B 12 -2.39 10.55 14.95
CA ASN B 12 -1.77 11.47 13.97
C ASN B 12 -1.19 10.77 12.74
N ASN B 13 -1.23 9.45 12.67
CA ASN B 13 -0.51 8.66 11.64
C ASN B 13 0.97 9.05 11.73
N ASN B 14 1.44 9.34 12.94
CA ASN B 14 2.81 9.86 13.19
C ASN B 14 3.36 9.11 14.40
N PRO B 15 3.58 7.80 14.26
CA PRO B 15 3.92 6.97 15.41
C PRO B 15 5.31 7.27 15.99
N GLY B 16 6.19 7.92 15.22
CA GLY B 16 7.47 8.46 15.71
C GLY B 16 7.35 9.74 16.55
N ASN B 17 6.16 10.36 16.62
CA ASN B 17 5.98 11.67 17.32
C ASN B 17 6.99 12.69 16.78
N ILE B 18 7.09 12.78 15.46
CA ILE B 18 7.93 13.79 14.78
C ILE B 18 7.26 15.16 14.94
N GLU B 19 8.00 16.16 15.37
CA GLU B 19 7.48 17.55 15.53
C GLU B 19 7.49 18.26 14.19
N TRP B 20 6.59 19.22 14.02
CA TRP B 20 6.49 20.04 12.79
C TRP B 20 7.87 20.61 12.43
N GLY B 21 8.20 20.64 11.15
CA GLY B 21 9.41 21.33 10.67
C GLY B 21 9.67 21.04 9.21
N SER B 22 9.68 19.77 8.82
CA SER B 22 10.11 19.36 7.45
C SER B 22 8.90 19.04 6.59
N PRO B 23 8.94 19.34 5.27
CA PRO B 23 7.81 19.07 4.39
C PRO B 23 7.74 17.61 3.92
N TRP B 24 7.43 16.73 4.85
CA TRP B 24 7.44 15.27 4.60
C TRP B 24 6.43 14.92 3.50
N GLN B 25 6.77 13.91 2.68
CA GLN B 25 5.78 13.27 1.78
C GLN B 25 4.58 12.81 2.60
N GLY B 26 3.36 13.10 2.14
CA GLY B 26 2.12 12.68 2.82
C GLY B 26 1.75 13.51 4.05
N LEU B 27 2.44 14.61 4.31
CA LEU B 27 2.08 15.52 5.43
C LEU B 27 0.72 16.14 5.14
N GLN B 28 -0.15 16.27 6.14
CA GLN B 28 -1.39 17.07 6.00
C GLN B 28 -1.07 18.56 6.13
N ALA B 29 -1.93 19.40 5.55
CA ALA B 29 -2.03 20.85 5.79
C ALA B 29 -1.86 21.18 7.29
N ARG B 30 -1.00 22.11 7.65
CA ARG B 30 -0.92 22.57 9.07
C ARG B 30 -1.83 23.77 9.22
N THR B 31 -2.83 23.69 10.09
CA THR B 31 -3.85 24.71 10.27
C THR B 31 -3.97 24.94 11.76
N ALA B 32 -4.83 25.88 12.15
CA ALA B 32 -5.20 26.14 13.56
C ALA B 32 -5.96 24.96 14.18
N ALA B 33 -6.44 24.00 13.41
CA ALA B 33 -7.14 22.80 13.92
C ALA B 33 -6.20 21.59 14.01
N SER B 34 -4.97 21.73 13.54
CA SER B 34 -3.99 20.61 13.52
C SER B 34 -3.39 20.40 14.92
N ASP B 35 -2.80 19.23 15.12
CA ASP B 35 -2.02 18.97 16.35
C ASP B 35 -1.04 20.12 16.53
N PRO B 36 -1.01 20.78 17.70
CA PRO B 36 -0.16 21.95 17.91
C PRO B 36 1.36 21.64 17.93
N ARG B 37 1.74 20.38 18.11
CA ARG B 37 3.14 20.01 18.35
C ARG B 37 3.64 19.02 17.29
N PHE B 38 2.81 18.05 16.89
CA PHE B 38 3.26 16.88 16.09
C PHE B 38 2.68 16.94 14.68
N CYS B 39 3.51 16.55 13.71
CA CYS B 39 3.07 16.32 12.32
C CYS B 39 1.84 15.40 12.30
N GLN B 40 0.96 15.65 11.31
CA GLN B 40 -0.15 14.73 10.97
C GLN B 40 0.06 14.24 9.54
N PHE B 41 -0.11 12.94 9.30
CA PHE B 41 0.13 12.35 7.97
C PHE B 41 -1.16 11.79 7.38
N ILE B 42 -1.24 11.76 6.05
CA ILE B 42 -2.47 11.29 5.33
C ILE B 42 -2.72 9.80 5.61
N ASP B 43 -1.68 8.97 5.77
CA ASP B 43 -1.87 7.53 6.07
C ASP B 43 -0.75 7.05 6.97
N PRO B 44 -0.91 5.89 7.64
CA PRO B 44 0.17 5.33 8.47
C PRO B 44 1.51 5.18 7.75
N ALA B 45 1.47 4.69 6.50
CA ALA B 45 2.71 4.42 5.73
C ALA B 45 3.53 5.72 5.58
N SER B 46 2.90 6.89 5.43
CA SER B 46 3.64 8.16 5.29
C SER B 46 4.38 8.52 6.59
N GLY B 47 3.76 8.25 7.73
CA GLY B 47 4.43 8.54 9.02
C GLY B 47 5.54 7.56 9.33
N ILE B 48 5.34 6.29 8.98
CA ILE B 48 6.38 5.23 9.11
C ILE B 48 7.54 5.59 8.18
N ARG B 49 7.23 5.98 6.93
CA ARG B 49 8.25 6.43 5.96
C ARG B 49 9.09 7.52 6.58
N ALA B 50 8.48 8.57 7.16
CA ALA B 50 9.22 9.73 7.67
C ALA B 50 10.19 9.29 8.79
N LEU B 51 9.76 8.36 9.63
CA LEU B 51 10.66 7.82 10.71
C LEU B 51 11.87 7.13 10.06
N ALA B 52 11.67 6.27 9.07
CA ALA B 52 12.78 5.56 8.37
C ALA B 52 13.70 6.59 7.70
N VAL B 53 13.16 7.65 7.10
CA VAL B 53 13.99 8.69 6.43
C VAL B 53 14.83 9.43 7.47
N ILE B 54 14.28 9.79 8.62
CA ILE B 54 15.08 10.46 9.69
C ILE B 54 16.25 9.54 10.05
N LEU B 55 15.98 8.26 10.25
CA LEU B 55 17.05 7.30 10.70
C LEU B 55 18.10 7.18 9.60
N THR B 56 17.68 7.18 8.34
CA THR B 56 18.60 7.15 7.18
C THR B 56 19.46 8.41 7.20
N THR B 57 18.86 9.57 7.47
CA THR B 57 19.59 10.86 7.49
C THR B 57 20.61 10.80 8.63
N TYR B 58 20.29 10.24 9.79
CA TYR B 58 21.29 10.16 10.89
C TYR B 58 22.48 9.32 10.40
N PHE B 59 22.18 8.17 9.81
CA PHE B 59 23.19 7.17 9.42
C PHE B 59 24.10 7.72 8.33
N ASP B 60 23.53 8.38 7.33
CA ASP B 60 24.27 8.86 6.13
C ASP B 60 25.01 10.17 6.44
N LYS B 61 24.42 11.08 7.22
CA LYS B 61 24.80 12.52 7.18
C LYS B 61 25.22 13.05 8.56
N ARG B 62 24.72 12.50 9.65
CA ARG B 62 24.95 13.12 10.98
C ARG B 62 26.12 12.41 11.66
N LYS B 63 26.76 13.08 12.61
CA LYS B 63 27.96 12.54 13.28
C LYS B 63 27.65 12.30 14.77
N ALA B 64 28.33 11.31 15.34
CA ALA B 64 28.30 11.03 16.78
C ALA B 64 28.94 12.23 17.49
N ALA B 65 28.97 12.22 18.83
CA ALA B 65 29.64 13.24 19.67
C ALA B 65 31.09 13.44 19.19
N ASP B 66 31.83 12.35 18.94
CA ASP B 66 33.28 12.38 18.58
C ASP B 66 33.51 12.78 17.11
N GLY B 67 32.44 13.04 16.34
CA GLY B 67 32.55 13.42 14.91
C GLY B 67 32.61 12.23 13.96
N SER B 68 32.52 11.00 14.48
CA SER B 68 32.53 9.75 13.66
C SER B 68 31.12 9.45 13.13
N LYS B 69 31.03 8.53 12.18
CA LYS B 69 29.74 8.04 11.64
C LYS B 69 28.87 7.48 12.78
N ILE B 70 27.57 7.72 12.68
CA ILE B 70 26.55 7.14 13.60
C ILE B 70 26.38 5.69 13.17
N ASP B 71 27.06 4.76 13.84
CA ASP B 71 27.05 3.34 13.42
C ASP B 71 26.94 2.43 14.64
N THR B 72 26.34 2.96 15.71
CA THR B 72 25.91 2.17 16.88
C THR B 72 24.47 2.52 17.23
N ILE B 73 23.80 1.57 17.87
CA ILE B 73 22.41 1.77 18.33
C ILE B 73 22.41 2.89 19.37
N ARG B 74 23.40 2.92 20.26
CA ARG B 74 23.47 3.99 21.27
C ARG B 74 23.55 5.36 20.59
N GLU B 75 24.37 5.52 19.54
CA GLU B 75 24.53 6.84 18.87
C GLU B 75 23.22 7.21 18.16
N VAL B 76 22.50 6.24 17.57
CA VAL B 76 21.21 6.53 16.89
C VAL B 76 20.21 7.03 17.94
N ILE B 77 20.10 6.34 19.06
CA ILE B 77 19.05 6.66 20.06
C ILE B 77 19.41 7.95 20.83
N GLU B 78 20.69 8.21 21.05
CA GLU B 78 21.12 9.48 21.72
C GLU B 78 20.70 10.67 20.87
N ARG B 79 20.70 10.51 19.54
CA ARG B 79 20.30 11.58 18.62
C ARG B 79 18.77 11.67 18.52
N TRP B 80 18.10 10.53 18.50
CA TRP B 80 16.65 10.40 18.32
C TRP B 80 15.93 10.93 19.57
N ALA B 81 16.44 10.61 20.75
CA ALA B 81 15.78 10.94 22.04
C ALA B 81 16.85 11.55 22.93
N PRO B 82 17.25 12.82 22.64
CA PRO B 82 18.32 13.47 23.37
C PRO B 82 17.86 13.82 24.77
N PRO B 83 18.69 13.57 25.81
CA PRO B 83 18.31 13.85 27.19
C PRO B 83 18.67 15.30 27.56
N ASN B 91 19.26 8.88 31.97
CA ASN B 91 19.00 7.44 32.23
C ASN B 91 17.87 6.92 31.33
N ASN B 92 16.88 7.76 31.01
CA ASN B 92 15.75 7.41 30.11
C ASN B 92 16.28 7.14 28.70
N THR B 93 17.24 7.92 28.19
CA THR B 93 17.86 7.71 26.84
C THR B 93 18.67 6.41 26.85
N THR B 94 19.41 6.14 27.92
CA THR B 94 20.14 4.86 28.10
C THR B 94 19.17 3.68 28.11
N ALA B 95 18.06 3.74 28.85
CA ALA B 95 17.04 2.67 28.87
C ALA B 95 16.44 2.46 27.48
N TYR B 96 16.17 3.54 26.74
CA TYR B 96 15.65 3.49 25.34
C TYR B 96 16.67 2.74 24.46
N ALA B 97 17.95 3.10 24.56
CA ALA B 97 19.03 2.43 23.79
C ALA B 97 19.08 0.93 24.15
N ASN B 98 18.97 0.58 25.44
CA ASN B 98 19.06 -0.84 25.89
C ASN B 98 17.89 -1.62 25.31
N GLN B 99 16.70 -1.03 25.32
CA GLN B 99 15.47 -1.66 24.81
C GLN B 99 15.61 -1.93 23.31
N ILE B 100 16.05 -0.95 22.54
CA ILE B 100 16.22 -1.12 21.06
C ILE B 100 17.34 -2.14 20.77
N ALA B 101 18.43 -2.13 21.52
CA ALA B 101 19.51 -3.14 21.39
C ALA B 101 18.94 -4.55 21.59
N ARG B 102 18.05 -4.74 22.56
CA ARG B 102 17.44 -6.06 22.81
C ARG B 102 16.58 -6.43 21.60
N VAL B 103 15.80 -5.47 21.06
CA VAL B 103 14.94 -5.72 19.86
C VAL B 103 15.81 -6.18 18.70
N LEU B 104 16.99 -5.57 18.52
CA LEU B 104 17.86 -5.91 17.36
C LEU B 104 18.78 -7.10 17.70
N ASN B 105 18.72 -7.61 18.92
CA ASN B 105 19.65 -8.67 19.42
C ASN B 105 21.11 -8.28 19.12
N MET B 106 21.46 -7.03 19.40
CA MET B 106 22.80 -6.46 19.15
C MET B 106 23.25 -5.70 20.39
N GLN B 107 24.56 -5.60 20.61
CA GLN B 107 25.11 -4.76 21.68
C GLN B 107 24.89 -3.28 21.31
N PRO B 108 24.54 -2.42 22.27
CA PRO B 108 24.31 -1.00 22.01
C PRO B 108 25.53 -0.26 21.43
N ASP B 109 26.76 -0.75 21.66
CA ASP B 109 28.01 -0.11 21.17
C ASP B 109 28.67 -0.89 20.03
N ASP B 110 27.98 -1.88 19.45
CA ASP B 110 28.44 -2.63 18.25
C ASP B 110 28.49 -1.66 17.07
N GLU B 111 29.66 -1.51 16.44
CA GLU B 111 29.94 -0.49 15.40
C GLU B 111 29.64 -1.02 14.00
N THR B 112 28.89 -2.13 13.87
CA THR B 112 28.53 -2.72 12.56
C THR B 112 27.06 -2.39 12.23
N LEU B 113 26.39 -1.54 13.01
CA LEU B 113 24.98 -1.21 12.65
C LEU B 113 24.92 -0.69 11.21
N ASN B 114 24.08 -1.28 10.38
CA ASN B 114 23.93 -0.86 8.96
C ASN B 114 22.46 -0.54 8.72
N LEU B 115 22.12 0.75 8.72
CA LEU B 115 20.70 1.15 8.54
C LEU B 115 20.33 1.14 7.05
N HIS B 116 21.23 0.79 6.13
CA HIS B 116 20.81 0.49 4.73
C HIS B 116 20.27 -0.94 4.64
N ASP B 117 20.53 -1.76 5.65
CA ASP B 117 20.08 -3.16 5.69
C ASP B 117 18.59 -3.16 6.04
N TYR B 118 17.76 -3.77 5.18
CA TYR B 118 16.30 -3.70 5.32
C TYR B 118 15.90 -4.20 6.71
N GLU B 119 16.36 -5.39 7.11
CA GLU B 119 15.91 -6.04 8.36
C GLU B 119 16.33 -5.16 9.55
N THR B 120 17.52 -4.57 9.51
CA THR B 120 18.01 -3.70 10.60
C THR B 120 17.08 -2.47 10.71
N MET B 121 16.83 -1.82 9.59
CA MET B 121 15.97 -0.61 9.59
C MET B 121 14.58 -1.02 10.08
N ARG B 122 14.04 -2.12 9.57
CA ARG B 122 12.69 -2.57 9.98
C ARG B 122 12.67 -2.70 11.51
N LYS B 123 13.63 -3.40 12.08
CA LYS B 123 13.56 -3.69 13.54
C LYS B 123 13.69 -2.40 14.33
N MET B 124 14.53 -1.47 13.87
N MET B 124 14.54 -1.47 13.89
CA MET B 124 14.74 -0.16 14.56
CA MET B 124 14.68 -0.19 14.61
C MET B 124 13.45 0.68 14.50
C MET B 124 13.37 0.60 14.53
N VAL B 125 12.82 0.75 13.32
CA VAL B 125 11.55 1.51 13.13
C VAL B 125 10.48 0.88 14.02
N GLU B 126 10.34 -0.45 13.97
CA GLU B 126 9.29 -1.13 14.77
C GLU B 126 9.57 -0.92 16.26
N GLY B 127 10.84 -0.99 16.67
CA GLY B 127 11.19 -0.82 18.10
C GLY B 127 10.79 0.57 18.59
N ILE B 128 11.06 1.56 17.77
CA ILE B 128 10.75 2.97 18.09
C ILE B 128 9.23 3.13 18.15
N ILE B 129 8.49 2.54 17.21
CA ILE B 129 7.01 2.70 17.22
C ILE B 129 6.46 2.11 18.53
N ARG B 130 6.94 0.93 18.92
CA ARG B 130 6.43 0.24 20.13
C ARG B 130 6.79 1.08 21.37
N HIS B 131 8.01 1.61 21.44
CA HIS B 131 8.44 2.48 22.57
C HIS B 131 7.56 3.74 22.65
N GLU B 132 7.32 4.39 21.53
CA GLU B 132 6.65 5.71 21.52
C GLU B 132 5.16 5.60 21.87
N ASN B 133 4.50 4.48 21.57
CA ASN B 133 3.03 4.41 21.59
C ASN B 133 2.54 3.45 22.65
N GLY B 134 3.40 2.63 23.25
CA GLY B 134 3.00 1.77 24.38
C GLY B 134 2.29 0.52 23.93
N SER B 135 1.59 -0.14 24.85
CA SER B 135 0.97 -1.47 24.61
C SER B 135 -0.44 -1.30 24.06
N PRO B 136 -0.77 -1.84 22.86
CA PRO B 136 -2.14 -1.76 22.34
C PRO B 136 -3.23 -2.17 23.34
N GLU B 137 -2.99 -3.19 24.15
CA GLU B 137 -4.02 -3.71 25.11
C GLU B 137 -4.41 -2.63 26.12
N ASP B 138 -3.52 -1.67 26.42
CA ASP B 138 -3.81 -0.56 27.36
C ASP B 138 -4.80 0.43 26.75
N TYR B 139 -5.04 0.37 25.44
CA TYR B 139 -5.96 1.28 24.71
C TYR B 139 -7.12 0.45 24.13
N ASP B 140 -7.37 -0.72 24.73
CA ASP B 140 -8.42 -1.69 24.30
C ASP B 140 -8.29 -1.99 22.81
N ARG B 141 -7.04 -2.10 22.33
CA ARG B 141 -6.69 -2.64 21.00
C ARG B 141 -5.80 -3.86 21.18
N ALA B 142 -5.68 -4.72 20.16
CA ALA B 142 -4.91 -5.97 20.27
C ALA B 142 -3.65 -5.86 19.44
N PRO B 143 -2.55 -6.46 19.91
CA PRO B 143 -1.30 -6.37 19.18
C PRO B 143 -1.26 -7.31 17.97
N TYR B 144 -0.66 -6.85 16.87
CA TYR B 144 -0.20 -7.70 15.76
C TYR B 144 0.97 -8.55 16.28
N ASN B 145 1.21 -9.66 15.57
CA ASN B 145 2.34 -10.59 15.87
C ASN B 145 3.60 -10.02 15.24
N ASN B 146 4.11 -8.91 15.79
CA ASN B 146 5.38 -8.30 15.32
C ASN B 146 5.92 -7.39 16.42
N ILE B 147 7.09 -6.80 16.17
CA ILE B 147 7.76 -5.96 17.19
C ILE B 147 6.91 -4.72 17.49
N ASN B 148 6.42 -4.06 16.46
CA ASN B 148 5.77 -2.72 16.66
C ASN B 148 4.40 -2.85 17.33
N GLN B 149 3.65 -3.93 17.02
CA GLN B 149 2.34 -4.29 17.62
C GLN B 149 1.18 -3.42 17.10
N TRP B 150 1.42 -2.14 16.79
CA TRP B 150 0.32 -1.20 16.40
C TRP B 150 -0.11 -1.41 14.95
N TYR B 151 0.83 -1.71 14.07
CA TYR B 151 0.60 -1.81 12.61
C TYR B 151 0.91 -3.24 12.13
N SER B 152 0.20 -3.66 11.09
CA SER B 152 0.46 -4.94 10.39
C SER B 152 1.86 -4.93 9.77
N ASP B 153 2.38 -6.12 9.55
CA ASP B 153 3.60 -6.35 8.72
C ASP B 153 3.49 -5.59 7.40
N GLU B 154 2.32 -5.63 6.75
CA GLU B 154 2.12 -5.01 5.43
C GLU B 154 2.24 -3.47 5.53
N GLN B 155 1.71 -2.87 6.57
CA GLN B 155 1.81 -1.38 6.79
C GLN B 155 3.27 -1.00 6.98
N ILE B 156 4.00 -1.74 7.80
CA ILE B 156 5.44 -1.46 8.04
C ILE B 156 6.22 -1.61 6.73
N ALA B 157 5.96 -2.66 5.96
CA ALA B 157 6.68 -2.90 4.69
C ALA B 157 6.43 -1.73 3.72
N GLU B 158 5.20 -1.22 3.66
CA GLU B 158 4.86 -0.13 2.71
C GLU B 158 5.58 1.16 3.14
N GLY B 159 5.61 1.46 4.43
CA GLY B 159 6.37 2.60 4.93
C GLY B 159 7.83 2.52 4.51
N LEU B 160 8.45 1.35 4.69
CA LEU B 160 9.87 1.18 4.31
C LEU B 160 10.04 1.30 2.80
N ARG B 161 9.12 0.75 2.02
CA ARG B 161 9.24 0.84 0.53
C ARG B 161 9.25 2.32 0.12
N ARG B 162 8.37 3.12 0.73
CA ARG B 162 8.26 4.56 0.39
C ARG B 162 9.52 5.31 0.82
N ALA B 163 10.25 4.81 1.80
CA ALA B 163 11.55 5.37 2.24
C ALA B 163 12.71 4.82 1.40
N GLY B 164 12.42 4.00 0.39
CA GLY B 164 13.44 3.48 -0.54
C GLY B 164 14.13 2.21 -0.05
N LEU B 165 13.62 1.54 0.97
CA LEU B 165 14.17 0.23 1.42
C LEU B 165 13.23 -0.87 0.95
N VAL B 166 13.72 -1.82 0.14
CA VAL B 166 12.92 -3.03 -0.25
C VAL B 166 13.59 -4.28 0.33
N LYS B 167 12.72 -5.18 0.81
CA LYS B 167 13.03 -6.55 1.30
C LYS B 167 13.82 -7.32 0.25
N PRO B 168 15.06 -7.75 0.54
CA PRO B 168 15.81 -8.65 -0.32
C PRO B 168 15.01 -9.95 -0.54
N LYS B 169 14.97 -10.45 -1.78
CA LYS B 169 14.37 -11.76 -2.16
C LYS B 169 13.08 -11.99 -1.36
#